data_5V2Y
#
_entry.id   5V2Y
#
_cell.length_a   48.479
_cell.length_b   82.116
_cell.length_c   87.593
_cell.angle_alpha   90.000
_cell.angle_beta   90.000
_cell.angle_gamma   90.000
#
_symmetry.space_group_name_H-M   'P 21 21 21'
#
loop_
_entity.id
_entity.type
_entity.pdbx_description
1 polymer '2-oxoglutarate-dependent ethylene/succinate-forming enzyme'
2 non-polymer 'MANGANESE (II) ION'
3 non-polymer ARGININE
4 non-polymer '2-OXOGLUTARIC ACID'
5 water water
#
_entity_poly.entity_id   1
_entity_poly.type   'polypeptide(L)'
_entity_poly.pdbx_seq_one_letter_code
;SHMTNLQTFELPTEVTGCAADISLGRALIQAWQKDGIFQIKTDSEQDRKTQEAMAASKQFCKEPLTFKSSCVSDLTYSGY
VASGEEVTAGKPDFPEIFTVCKDLSVGDQRVKAGWPCHGPVPWPNNTYQKSMKTFMEELGLAGERLLKLTALGFELPINT
FTDLTRDGWHHMRVLRFPPQTSTLSRGIGAHTDYGLLVIAAQDDVGGLYIRPPVEGEKRNRNWLPGESSAGMFEHDEPWT
FVTPTPGVWTVFPGDILQFMTGGQLLSTPHKVKLNTRERFACAYFHEPNFEASAYPLFEPSANERIHYGEHFTNMFMRCY
PDRITTQRINKENRLAHLEDLKKYSDTRATGS
;
_entity_poly.pdbx_strand_id   A
#
# COMPACT_ATOMS: atom_id res chain seq x y z
N THR A 4 5.30 21.65 -3.89
CA THR A 4 6.70 21.68 -4.32
C THR A 4 6.89 20.87 -5.60
N ASN A 5 8.12 20.88 -6.12
CA ASN A 5 8.47 20.16 -7.33
C ASN A 5 9.18 18.86 -6.95
N LEU A 6 8.53 17.74 -7.21
CA LEU A 6 9.11 16.46 -6.88
C LEU A 6 10.14 16.07 -7.93
N GLN A 7 11.08 15.23 -7.50
CA GLN A 7 12.03 14.62 -8.41
C GLN A 7 11.36 13.51 -9.20
N THR A 8 11.76 13.38 -10.46
CA THR A 8 11.24 12.33 -11.34
C THR A 8 12.41 11.56 -11.92
N PHE A 9 12.36 10.24 -11.81
CA PHE A 9 13.41 9.36 -12.29
C PHE A 9 12.84 8.36 -13.29
N GLU A 10 13.67 8.01 -14.26
CA GLU A 10 13.40 6.88 -15.14
C GLU A 10 14.21 5.69 -14.63
N LEU A 11 13.53 4.57 -14.40
CA LEU A 11 14.21 3.38 -13.90
C LEU A 11 14.72 2.52 -15.06
N PRO A 12 15.88 1.89 -14.94
CA PRO A 12 16.29 0.92 -15.97
C PRO A 12 15.38 -0.29 -15.95
N THR A 13 15.24 -0.95 -17.10
CA THR A 13 14.38 -2.13 -17.15
C THR A 13 14.90 -3.23 -16.23
N GLU A 14 16.19 -3.47 -16.23
CA GLU A 14 16.83 -4.42 -15.33
C GLU A 14 17.87 -3.69 -14.49
N VAL A 15 17.96 -4.10 -13.23
CA VAL A 15 18.92 -3.56 -12.27
C VAL A 15 19.94 -4.66 -12.01
N THR A 16 21.21 -4.37 -12.31
CA THR A 16 22.28 -5.37 -12.24
C THR A 16 23.32 -5.07 -11.17
N GLY A 17 23.36 -3.85 -10.61
CA GLY A 17 24.40 -3.48 -9.68
C GLY A 17 25.57 -2.73 -10.26
N CYS A 18 25.47 -2.29 -11.52
CA CYS A 18 26.49 -1.43 -12.11
C CYS A 18 26.51 -0.07 -11.42
N ALA A 19 27.55 0.72 -11.74
CA ALA A 19 27.72 2.00 -11.06
C ALA A 19 26.52 2.91 -11.25
N ALA A 20 25.91 2.89 -12.43
CA ALA A 20 24.74 3.73 -12.67
C ALA A 20 23.59 3.33 -11.77
N ASP A 21 23.40 2.03 -11.57
CA ASP A 21 22.35 1.55 -10.68
C ASP A 21 22.60 2.01 -9.24
N ILE A 22 23.83 1.87 -8.77
CA ILE A 22 24.16 2.30 -7.41
C ILE A 22 23.88 3.78 -7.25
N SER A 23 24.33 4.59 -8.23
CA SER A 23 24.08 6.04 -8.19
C SER A 23 22.60 6.34 -8.13
N LEU A 24 21.80 5.64 -8.94
CA LEU A 24 20.37 5.87 -8.90
C LEU A 24 19.80 5.53 -7.52
N GLY A 25 20.22 4.39 -6.94
CA GLY A 25 19.76 4.07 -5.60
C GLY A 25 20.08 5.16 -4.58
N ARG A 26 21.30 5.71 -4.64
CA ARG A 26 21.63 6.81 -3.74
C ARG A 26 20.66 7.96 -3.92
N ALA A 27 20.32 8.28 -5.18
CA ALA A 27 19.44 9.40 -5.46
C ALA A 27 18.02 9.15 -4.97
N LEU A 28 17.54 7.91 -5.09
CA LEU A 28 16.20 7.59 -4.59
C LEU A 28 16.16 7.78 -3.08
N ILE A 29 17.16 7.26 -2.39
CA ILE A 29 17.20 7.42 -0.93
C ILE A 29 17.23 8.90 -0.56
N GLN A 30 18.08 9.67 -1.24
N GLN A 30 18.10 9.67 -1.23
CA GLN A 30 18.19 11.09 -0.92
CA GLN A 30 18.18 11.09 -0.93
C GLN A 30 16.88 11.82 -1.16
C GLN A 30 16.85 11.78 -1.13
N ALA A 31 16.14 11.43 -2.21
CA ALA A 31 14.86 12.08 -2.48
C ALA A 31 13.83 11.72 -1.42
N TRP A 32 13.79 10.46 -1.00
CA TRP A 32 12.92 10.10 0.13
C TRP A 32 13.31 10.84 1.40
N GLN A 33 14.62 11.00 1.66
CA GLN A 33 15.06 11.64 2.89
C GLN A 33 14.77 13.13 2.90
N LYS A 34 14.70 13.78 1.73
CA LYS A 34 14.40 15.20 1.64
C LYS A 34 12.91 15.47 1.51
N ASP A 35 12.25 14.76 0.58
CA ASP A 35 10.88 15.07 0.19
C ASP A 35 9.86 14.07 0.69
N GLY A 36 10.28 12.86 1.07
CA GLY A 36 9.37 11.80 1.46
C GLY A 36 8.73 11.05 0.33
N ILE A 37 9.06 11.37 -0.92
CA ILE A 37 8.36 10.86 -2.09
C ILE A 37 9.16 11.25 -3.32
N PHE A 38 9.03 10.49 -4.39
CA PHE A 38 9.50 10.90 -5.70
C PHE A 38 8.57 10.29 -6.75
N GLN A 39 8.77 10.69 -8.00
CA GLN A 39 7.99 10.19 -9.13
C GLN A 39 8.89 9.32 -10.00
N ILE A 40 8.30 8.29 -10.60
CA ILE A 40 8.97 7.52 -11.63
C ILE A 40 8.20 7.67 -12.94
N LYS A 41 8.95 7.86 -14.03
CA LYS A 41 8.37 8.04 -15.34
C LYS A 41 7.82 6.72 -15.85
N THR A 42 6.64 6.77 -16.45
CA THR A 42 6.02 5.58 -17.03
C THR A 42 6.25 5.53 -18.53
N ASP A 43 6.45 4.32 -19.05
CA ASP A 43 6.52 4.11 -20.49
C ASP A 43 5.11 3.91 -21.04
N SER A 44 5.02 3.69 -22.35
CA SER A 44 3.69 3.67 -22.97
C SER A 44 2.84 2.52 -22.45
N GLU A 45 3.45 1.37 -22.16
CA GLU A 45 2.68 0.22 -21.67
C GLU A 45 2.29 0.40 -20.20
N GLN A 46 3.20 0.92 -19.39
CA GLN A 46 2.85 1.22 -18.01
C GLN A 46 1.71 2.21 -17.96
N ASP A 47 1.76 3.25 -18.81
CA ASP A 47 0.68 4.24 -18.84
C ASP A 47 -0.62 3.63 -19.36
N ARG A 48 -0.55 2.87 -20.46
CA ARG A 48 -1.76 2.25 -21.01
C ARG A 48 -2.45 1.41 -19.94
N LYS A 49 -1.68 0.59 -19.23
CA LYS A 49 -2.27 -0.30 -18.24
C LYS A 49 -2.84 0.48 -17.06
N THR A 50 -2.20 1.59 -16.68
CA THR A 50 -2.75 2.47 -15.64
C THR A 50 -4.10 3.03 -16.09
N GLN A 51 -4.17 3.53 -17.33
CA GLN A 51 -5.40 4.16 -17.78
C GLN A 51 -6.52 3.13 -17.92
N GLU A 52 -6.20 1.92 -18.38
CA GLU A 52 -7.23 0.88 -18.47
C GLU A 52 -7.75 0.48 -17.10
N ALA A 53 -6.88 0.43 -16.09
CA ALA A 53 -7.33 0.17 -14.73
C ALA A 53 -8.24 1.28 -14.23
N MET A 54 -7.87 2.54 -14.46
CA MET A 54 -8.73 3.65 -14.04
C MET A 54 -10.09 3.57 -14.73
N ALA A 55 -10.11 3.21 -16.02
CA ALA A 55 -11.36 3.11 -16.74
C ALA A 55 -12.23 2.00 -16.18
N ALA A 56 -11.64 0.85 -15.84
CA ALA A 56 -12.40 -0.24 -15.25
C ALA A 56 -12.95 0.17 -13.90
N SER A 57 -12.18 0.95 -13.14
CA SER A 57 -12.65 1.43 -11.85
C SER A 57 -13.86 2.33 -12.01
N LYS A 58 -13.79 3.28 -12.94
CA LYS A 58 -14.92 4.17 -13.16
C LYS A 58 -16.17 3.40 -13.55
N GLN A 59 -16.02 2.37 -14.39
CA GLN A 59 -17.20 1.61 -14.78
C GLN A 59 -17.75 0.82 -13.61
N PHE A 60 -16.88 0.21 -12.80
CA PHE A 60 -17.35 -0.51 -11.62
C PHE A 60 -18.12 0.40 -10.66
N CYS A 61 -17.63 1.60 -10.41
CA CYS A 61 -18.26 2.43 -9.40
C CYS A 61 -19.64 2.92 -9.83
N LYS A 62 -19.91 2.93 -11.13
CA LYS A 62 -21.25 3.28 -11.60
C LYS A 62 -22.28 2.21 -11.30
N GLU A 63 -21.86 1.00 -10.93
CA GLU A 63 -22.81 -0.07 -10.66
C GLU A 63 -23.60 0.23 -9.38
N PRO A 64 -24.76 -0.39 -9.21
N PRO A 64 -24.77 -0.37 -9.23
CA PRO A 64 -25.54 -0.14 -8.00
CA PRO A 64 -25.55 -0.17 -8.01
C PRO A 64 -24.82 -0.66 -6.76
C PRO A 64 -24.82 -0.66 -6.76
N LEU A 65 -25.09 0.01 -5.64
CA LEU A 65 -24.43 -0.34 -4.38
C LEU A 65 -24.63 -1.81 -4.02
N THR A 66 -25.83 -2.36 -4.25
N THR A 66 -25.81 -2.35 -4.24
CA THR A 66 -26.07 -3.76 -3.93
CA THR A 66 -26.02 -3.75 -3.88
C THR A 66 -25.12 -4.67 -4.68
C THR A 66 -25.08 -4.67 -4.67
N PHE A 67 -24.85 -4.37 -5.94
CA PHE A 67 -23.91 -5.18 -6.71
C PHE A 67 -22.50 -5.01 -6.17
N LYS A 68 -22.10 -3.76 -5.96
CA LYS A 68 -20.74 -3.52 -5.48
C LYS A 68 -20.51 -4.21 -4.14
N SER A 69 -21.50 -4.10 -3.24
CA SER A 69 -21.41 -4.71 -1.91
C SER A 69 -21.42 -6.24 -1.96
N SER A 70 -21.88 -6.84 -3.05
CA SER A 70 -21.80 -8.29 -3.18
C SER A 70 -20.38 -8.76 -3.42
N CYS A 71 -19.47 -7.87 -3.82
CA CYS A 71 -18.10 -8.26 -4.13
C CYS A 71 -17.26 -8.21 -2.85
N VAL A 72 -17.57 -9.16 -1.96
N VAL A 72 -17.54 -9.18 -1.97
CA VAL A 72 -16.91 -9.28 -0.67
CA VAL A 72 -16.94 -9.24 -0.63
C VAL A 72 -16.62 -10.75 -0.41
C VAL A 72 -16.76 -10.71 -0.26
N SER A 73 -15.72 -10.98 0.53
CA SER A 73 -15.34 -12.33 0.91
C SER A 73 -15.18 -12.41 2.43
N ASP A 74 -15.57 -13.54 3.04
CA ASP A 74 -15.26 -13.75 4.45
C ASP A 74 -13.91 -14.42 4.68
N LEU A 75 -13.12 -14.67 3.64
CA LEU A 75 -11.78 -15.26 3.74
C LEU A 75 -10.66 -14.27 3.51
N THR A 76 -10.83 -13.37 2.55
CA THR A 76 -9.86 -12.37 2.21
C THR A 76 -10.48 -10.99 2.33
N TYR A 77 -9.64 -9.98 2.59
CA TYR A 77 -10.07 -8.59 2.56
C TYR A 77 -10.24 -8.04 1.15
N SER A 78 -9.89 -8.79 0.11
CA SER A 78 -10.14 -8.34 -1.25
C SER A 78 -11.63 -8.04 -1.45
N GLY A 79 -11.90 -7.04 -2.27
CA GLY A 79 -13.25 -6.67 -2.61
C GLY A 79 -13.63 -5.26 -2.19
N TYR A 80 -14.93 -5.03 -2.14
CA TYR A 80 -15.46 -3.68 -2.07
C TYR A 80 -15.50 -3.12 -0.66
N VAL A 81 -15.20 -1.83 -0.54
CA VAL A 81 -15.34 -1.05 0.68
C VAL A 81 -16.21 0.14 0.31
N ALA A 82 -17.33 0.29 1.01
CA ALA A 82 -18.24 1.38 0.71
C ALA A 82 -17.69 2.69 1.26
N SER A 83 -18.17 3.79 0.68
CA SER A 83 -17.88 5.11 1.23
C SER A 83 -18.39 5.15 2.67
N GLY A 84 -17.51 5.54 3.59
CA GLY A 84 -17.83 5.58 5.00
C GLY A 84 -17.60 4.30 5.76
N GLU A 85 -17.15 3.22 5.10
CA GLU A 85 -16.98 1.94 5.78
C GLU A 85 -15.63 1.81 6.49
N GLU A 86 -14.54 2.24 5.85
CA GLU A 86 -13.22 2.14 6.48
C GLU A 86 -13.10 3.17 7.60
N VAL A 87 -12.40 2.79 8.67
CA VAL A 87 -12.09 3.65 9.79
C VAL A 87 -10.59 3.93 9.80
N THR A 88 -10.22 5.21 9.92
CA THR A 88 -8.84 5.65 10.16
C THR A 88 -8.87 6.56 11.38
N ALA A 89 -8.11 6.20 12.42
CA ALA A 89 -8.05 7.02 13.64
C ALA A 89 -9.44 7.35 14.17
N GLY A 90 -10.33 6.35 14.18
CA GLY A 90 -11.64 6.48 14.79
C GLY A 90 -12.66 7.23 13.97
N LYS A 91 -12.35 7.57 12.72
CA LYS A 91 -13.25 8.35 11.89
C LYS A 91 -13.44 7.65 10.56
N PRO A 92 -14.65 7.69 10.00
CA PRO A 92 -14.86 7.06 8.69
C PRO A 92 -14.15 7.80 7.56
N ASP A 93 -13.60 7.03 6.63
CA ASP A 93 -13.03 7.54 5.39
C ASP A 93 -14.07 7.49 4.28
N PHE A 94 -13.97 8.39 3.33
N PHE A 94 -13.99 8.45 3.35
CA PHE A 94 -15.07 8.48 2.37
CA PHE A 94 -14.99 8.67 2.31
C PHE A 94 -14.81 8.01 0.94
C PHE A 94 -14.89 7.82 1.04
N PRO A 95 -13.71 7.36 0.59
CA PRO A 95 -13.65 6.75 -0.74
C PRO A 95 -14.42 5.45 -0.76
N GLU A 96 -14.88 5.08 -1.95
CA GLU A 96 -15.21 3.68 -2.18
C GLU A 96 -13.97 3.02 -2.77
N ILE A 97 -13.76 1.75 -2.43
CA ILE A 97 -12.51 1.08 -2.70
C ILE A 97 -12.81 -0.32 -3.20
N PHE A 98 -11.99 -0.80 -4.12
CA PHE A 98 -11.89 -2.23 -4.40
C PHE A 98 -10.46 -2.66 -4.09
N THR A 99 -10.31 -3.58 -3.14
CA THR A 99 -9.00 -4.04 -2.70
C THR A 99 -8.67 -5.34 -3.45
N VAL A 100 -7.47 -5.41 -4.01
CA VAL A 100 -6.99 -6.61 -4.68
C VAL A 100 -5.81 -7.15 -3.89
N CYS A 101 -6.02 -8.27 -3.18
CA CYS A 101 -4.96 -9.03 -2.54
C CYS A 101 -4.66 -10.26 -3.39
N LYS A 102 -3.62 -11.01 -2.98
CA LYS A 102 -3.23 -12.22 -3.67
C LYS A 102 -4.45 -13.10 -3.91
N ASP A 103 -4.64 -13.52 -5.15
CA ASP A 103 -5.89 -14.18 -5.59
C ASP A 103 -5.71 -15.69 -5.45
N LEU A 104 -6.20 -16.24 -4.34
CA LEU A 104 -6.00 -17.66 -4.02
C LEU A 104 -7.34 -18.36 -3.93
N SER A 105 -7.51 -19.42 -4.72
CA SER A 105 -8.76 -20.18 -4.67
C SER A 105 -8.80 -21.06 -3.43
N VAL A 106 -9.97 -21.66 -3.21
CA VAL A 106 -10.12 -22.61 -2.12
C VAL A 106 -9.38 -23.92 -2.37
N GLY A 107 -8.76 -24.05 -3.55
CA GLY A 107 -7.85 -25.15 -3.81
C GLY A 107 -6.45 -24.93 -3.28
N ASP A 108 -6.11 -23.70 -2.92
CA ASP A 108 -4.79 -23.41 -2.37
C ASP A 108 -4.66 -23.93 -0.93
N GLN A 109 -3.51 -24.53 -0.62
CA GLN A 109 -3.32 -25.16 0.68
C GLN A 109 -3.40 -24.17 1.84
N ARG A 110 -3.03 -22.90 1.61
CA ARG A 110 -3.10 -21.93 2.69
C ARG A 110 -4.55 -21.58 3.00
N VAL A 111 -5.40 -21.54 1.97
CA VAL A 111 -6.82 -21.29 2.16
C VAL A 111 -7.46 -22.48 2.87
N LYS A 112 -7.12 -23.70 2.44
CA LYS A 112 -7.66 -24.89 3.12
C LYS A 112 -7.28 -24.92 4.58
N ALA A 113 -6.10 -24.41 4.91
CA ALA A 113 -5.60 -24.39 6.28
C ALA A 113 -6.18 -23.25 7.08
N GLY A 114 -7.01 -22.39 6.48
CA GLY A 114 -7.63 -21.32 7.21
C GLY A 114 -6.70 -20.18 7.57
N TRP A 115 -5.66 -19.96 6.78
CA TRP A 115 -4.74 -18.88 7.09
C TRP A 115 -5.50 -17.56 7.01
N PRO A 116 -5.32 -16.65 7.97
CA PRO A 116 -6.05 -15.39 7.90
C PRO A 116 -5.68 -14.63 6.64
N CYS A 117 -6.70 -14.03 6.04
CA CYS A 117 -6.62 -13.09 4.92
C CYS A 117 -6.40 -13.79 3.58
N HIS A 118 -6.32 -15.11 3.55
CA HIS A 118 -6.04 -15.85 2.32
C HIS A 118 -7.35 -16.33 1.70
N GLY A 119 -7.59 -15.93 0.45
CA GLY A 119 -8.77 -16.35 -0.28
C GLY A 119 -8.91 -15.65 -1.62
N PRO A 120 -9.99 -15.94 -2.34
CA PRO A 120 -10.11 -15.46 -3.73
C PRO A 120 -10.69 -14.07 -3.85
N VAL A 121 -10.15 -13.29 -4.78
CA VAL A 121 -10.68 -11.94 -5.02
C VAL A 121 -12.11 -12.03 -5.56
N PRO A 122 -13.07 -11.31 -4.98
CA PRO A 122 -14.44 -11.32 -5.51
C PRO A 122 -14.59 -10.34 -6.67
N TRP A 123 -13.98 -10.71 -7.80
CA TRP A 123 -13.91 -9.82 -8.95
C TRP A 123 -15.32 -9.45 -9.43
N PRO A 124 -15.55 -8.20 -9.85
CA PRO A 124 -16.87 -7.88 -10.39
C PRO A 124 -17.13 -8.54 -11.72
N ASN A 125 -16.10 -8.70 -12.54
CA ASN A 125 -16.19 -9.46 -13.78
C ASN A 125 -14.77 -9.74 -14.26
N ASN A 126 -14.68 -10.54 -15.31
CA ASN A 126 -13.38 -11.03 -15.74
C ASN A 126 -12.59 -9.99 -16.51
N THR A 127 -13.24 -8.98 -17.09
CA THR A 127 -12.50 -7.90 -17.73
C THR A 127 -11.79 -7.03 -16.69
N TYR A 128 -12.50 -6.71 -15.60
CA TYR A 128 -11.91 -6.00 -14.48
C TYR A 128 -10.75 -6.79 -13.89
N GLN A 129 -10.92 -8.11 -13.72
CA GLN A 129 -9.83 -8.96 -13.26
C GLN A 129 -8.60 -8.81 -14.16
N LYS A 130 -8.77 -8.95 -15.47
CA LYS A 130 -7.62 -8.90 -16.36
C LYS A 130 -6.93 -7.54 -16.31
N SER A 131 -7.71 -6.48 -16.27
CA SER A 131 -7.12 -5.14 -16.22
C SER A 131 -6.30 -4.94 -14.96
N MET A 132 -6.82 -5.40 -13.83
CA MET A 132 -6.11 -5.16 -12.58
C MET A 132 -4.88 -6.06 -12.47
N LYS A 133 -5.00 -7.33 -12.88
CA LYS A 133 -3.85 -8.23 -12.82
C LYS A 133 -2.73 -7.73 -13.72
N THR A 134 -3.08 -7.30 -14.95
CA THR A 134 -2.05 -6.81 -15.87
C THR A 134 -1.35 -5.59 -15.28
N PHE A 135 -2.12 -4.69 -14.68
CA PHE A 135 -1.55 -3.50 -14.06
C PHE A 135 -0.64 -3.87 -12.89
N MET A 136 -1.09 -4.80 -12.04
CA MET A 136 -0.28 -5.20 -10.88
C MET A 136 0.98 -5.95 -11.29
N GLU A 137 0.97 -6.65 -12.41
CA GLU A 137 2.20 -7.28 -12.90
C GLU A 137 3.25 -6.21 -13.23
N GLU A 138 2.83 -5.12 -13.89
CA GLU A 138 3.77 -4.04 -14.18
C GLU A 138 4.22 -3.34 -12.91
N LEU A 139 3.29 -3.07 -12.00
CA LEU A 139 3.63 -2.42 -10.74
C LEU A 139 4.64 -3.24 -9.97
N GLY A 140 4.46 -4.56 -9.98
CA GLY A 140 5.40 -5.44 -9.30
C GLY A 140 6.80 -5.40 -9.90
N LEU A 141 6.90 -5.35 -11.23
CA LEU A 141 8.22 -5.24 -11.85
C LEU A 141 8.91 -3.97 -11.40
N ALA A 142 8.16 -2.88 -11.31
CA ALA A 142 8.74 -1.63 -10.83
C ALA A 142 9.14 -1.74 -9.37
N GLY A 143 8.29 -2.37 -8.56
CA GLY A 143 8.62 -2.59 -7.16
C GLY A 143 9.94 -3.32 -6.98
N GLU A 144 10.16 -4.39 -7.75
CA GLU A 144 11.41 -5.14 -7.64
C GLU A 144 12.61 -4.30 -8.06
N ARG A 145 12.49 -3.53 -9.14
CA ARG A 145 13.55 -2.59 -9.53
C ARG A 145 13.89 -1.66 -8.38
N LEU A 146 12.86 -1.06 -7.78
CA LEU A 146 13.06 -0.10 -6.71
C LEU A 146 13.73 -0.72 -5.49
N LEU A 147 13.36 -1.95 -5.15
CA LEU A 147 13.96 -2.61 -3.99
C LEU A 147 15.42 -2.97 -4.23
N LYS A 148 15.78 -3.34 -5.46
CA LYS A 148 17.19 -3.60 -5.74
C LYS A 148 17.99 -2.31 -5.69
N LEU A 149 17.44 -1.23 -6.24
CA LEU A 149 18.10 0.06 -6.20
C LEU A 149 18.27 0.55 -4.78
N THR A 150 17.24 0.38 -3.95
CA THR A 150 17.32 0.83 -2.57
C THR A 150 18.41 0.07 -1.82
N ALA A 151 18.47 -1.26 -1.99
CA ALA A 151 19.55 -2.03 -1.37
C ALA A 151 20.92 -1.49 -1.80
N LEU A 152 21.09 -1.27 -3.10
CA LEU A 152 22.37 -0.79 -3.60
C LEU A 152 22.72 0.57 -3.01
N GLY A 153 21.73 1.45 -2.85
CA GLY A 153 22.02 2.76 -2.31
C GLY A 153 22.49 2.73 -0.88
N PHE A 154 22.05 1.74 -0.11
CA PHE A 154 22.48 1.53 1.26
C PHE A 154 23.71 0.62 1.37
N GLU A 155 24.34 0.27 0.25
CA GLU A 155 25.55 -0.57 0.25
C GLU A 155 25.26 -1.96 0.79
N LEU A 156 24.06 -2.43 0.56
CA LEU A 156 23.64 -3.77 0.94
C LEU A 156 23.66 -4.69 -0.27
N PRO A 157 23.74 -6.01 -0.05
CA PRO A 157 23.56 -6.95 -1.16
C PRO A 157 22.29 -6.63 -1.94
N ILE A 158 22.40 -6.72 -3.27
CA ILE A 158 21.34 -6.29 -4.17
C ILE A 158 20.02 -7.00 -3.88
N ASN A 159 20.06 -8.23 -3.39
CA ASN A 159 18.85 -9.01 -3.17
C ASN A 159 18.31 -8.91 -1.74
N THR A 160 18.81 -7.95 -0.94
CA THR A 160 18.45 -7.88 0.47
C THR A 160 16.93 -7.80 0.65
N PHE A 161 16.26 -6.90 -0.08
CA PHE A 161 14.82 -6.74 0.08
C PHE A 161 14.04 -7.70 -0.81
N THR A 162 14.52 -7.97 -2.02
CA THR A 162 13.81 -8.90 -2.90
C THR A 162 13.78 -10.31 -2.32
N ASP A 163 14.75 -10.67 -1.47
CA ASP A 163 14.69 -11.96 -0.80
C ASP A 163 13.46 -12.08 0.08
N LEU A 164 12.89 -10.97 0.53
CA LEU A 164 11.70 -11.01 1.36
C LEU A 164 10.41 -10.98 0.55
N THR A 165 10.46 -10.66 -0.75
CA THR A 165 9.26 -10.43 -1.53
C THR A 165 8.95 -11.55 -2.51
N ARG A 166 9.65 -12.68 -2.41
CA ARG A 166 9.26 -13.84 -3.19
C ARG A 166 7.85 -14.27 -2.78
N ASP A 167 6.97 -14.43 -3.76
CA ASP A 167 5.53 -14.63 -3.51
C ASP A 167 5.00 -13.59 -2.52
N GLY A 168 5.46 -12.34 -2.69
CA GLY A 168 5.12 -11.29 -1.76
C GLY A 168 3.62 -11.00 -1.73
N TRP A 169 3.19 -10.46 -0.59
CA TRP A 169 1.77 -10.17 -0.33
C TRP A 169 1.36 -8.85 -0.99
N HIS A 170 1.72 -8.68 -2.26
CA HIS A 170 1.42 -7.43 -2.94
C HIS A 170 -0.10 -7.26 -3.05
N HIS A 171 -0.56 -6.01 -2.93
CA HIS A 171 -1.98 -5.73 -3.02
C HIS A 171 -2.18 -4.31 -3.51
N MET A 172 -3.43 -3.97 -3.81
CA MET A 172 -3.75 -2.69 -4.43
C MET A 172 -5.10 -2.23 -3.95
N ARG A 173 -5.21 -0.92 -3.71
CA ARG A 173 -6.48 -0.25 -3.42
C ARG A 173 -6.86 0.60 -4.63
N VAL A 174 -8.00 0.28 -5.22
CA VAL A 174 -8.52 0.98 -6.39
C VAL A 174 -9.62 1.90 -5.86
N LEU A 175 -9.37 3.21 -5.89
CA LEU A 175 -10.13 4.19 -5.12
C LEU A 175 -10.94 5.15 -6.00
N ARG A 176 -12.14 5.48 -5.53
CA ARG A 176 -12.89 6.62 -6.05
C ARG A 176 -13.33 7.48 -4.88
N PHE A 177 -12.86 8.71 -4.85
CA PHE A 177 -13.31 9.69 -3.87
C PHE A 177 -14.48 10.48 -4.41
N PRO A 178 -15.58 10.62 -3.66
CA PRO A 178 -16.69 11.44 -4.11
C PRO A 178 -16.29 12.91 -4.09
N PRO A 179 -17.02 13.76 -4.80
CA PRO A 179 -16.83 15.20 -4.60
C PRO A 179 -17.24 15.56 -3.19
N GLN A 180 -16.69 16.67 -2.69
CA GLN A 180 -17.14 17.14 -1.39
C GLN A 180 -18.57 17.63 -1.50
N THR A 181 -19.48 17.06 -0.70
CA THR A 181 -20.88 17.46 -0.70
C THR A 181 -21.39 17.94 0.66
N SER A 182 -20.58 17.85 1.71
CA SER A 182 -20.94 18.36 3.02
C SER A 182 -19.82 19.24 3.52
N THR A 183 -19.92 19.68 4.79
CA THR A 183 -18.86 20.47 5.40
C THR A 183 -17.56 19.68 5.54
N LEU A 184 -17.61 18.36 5.44
CA LEU A 184 -16.43 17.52 5.68
C LEU A 184 -15.58 17.44 4.41
N SER A 185 -14.31 17.83 4.51
CA SER A 185 -13.35 17.69 3.42
C SER A 185 -12.45 16.46 3.55
N ARG A 186 -12.52 15.74 4.66
CA ARG A 186 -11.62 14.62 4.90
C ARG A 186 -11.97 13.45 3.97
N GLY A 187 -11.03 13.07 3.11
CA GLY A 187 -11.18 11.88 2.29
C GLY A 187 -10.67 10.63 3.00
N ILE A 188 -9.36 10.61 3.26
CA ILE A 188 -8.76 9.63 4.16
C ILE A 188 -7.90 10.40 5.15
N GLY A 189 -7.98 10.02 6.42
CA GLY A 189 -7.15 10.65 7.44
C GLY A 189 -5.67 10.34 7.26
N ALA A 190 -4.86 11.11 7.98
CA ALA A 190 -3.41 10.88 7.96
C ALA A 190 -3.09 9.46 8.40
N HIS A 191 -2.16 8.83 7.71
CA HIS A 191 -1.78 7.46 8.04
C HIS A 191 -0.49 7.13 7.31
N THR A 192 0.06 5.96 7.64
CA THR A 192 1.12 5.34 6.88
C THR A 192 0.66 3.97 6.44
N ASP A 193 1.19 3.50 5.31
CA ASP A 193 0.92 2.15 4.86
C ASP A 193 2.03 1.21 5.33
N TYR A 194 1.83 -0.09 5.07
CA TYR A 194 2.28 -1.12 6.00
C TYR A 194 3.47 -1.94 5.51
N GLY A 195 3.81 -1.88 4.22
CA GLY A 195 4.79 -2.78 3.65
C GLY A 195 6.11 -2.10 3.31
N LEU A 196 6.70 -2.52 2.20
CA LEU A 196 7.99 -1.95 1.80
C LEU A 196 7.80 -0.65 1.03
N LEU A 197 7.01 -0.67 -0.05
CA LEU A 197 6.85 0.47 -0.94
C LEU A 197 5.38 0.69 -1.24
N VAL A 198 5.04 1.96 -1.45
CA VAL A 198 3.74 2.35 -2.00
C VAL A 198 4.00 3.01 -3.35
N ILE A 199 3.41 2.46 -4.40
CA ILE A 199 3.49 3.01 -5.75
C ILE A 199 2.08 3.41 -6.13
N ALA A 200 1.89 4.67 -6.52
CA ALA A 200 0.54 5.18 -6.71
C ALA A 200 0.37 5.96 -8.00
N ALA A 201 -0.87 5.95 -8.49
CA ALA A 201 -1.29 6.69 -9.67
C ALA A 201 -2.56 7.46 -9.32
N GLN A 202 -2.77 8.59 -10.01
CA GLN A 202 -3.96 9.39 -9.80
C GLN A 202 -4.38 10.04 -11.11
N ASP A 203 -5.65 10.43 -11.17
CA ASP A 203 -6.15 11.21 -12.31
C ASP A 203 -5.79 12.69 -12.15
N ASP A 204 -6.50 13.55 -12.87
CA ASP A 204 -6.16 14.97 -12.97
C ASP A 204 -6.71 15.81 -11.81
N VAL A 205 -7.53 15.24 -10.93
CA VAL A 205 -8.33 16.06 -10.02
C VAL A 205 -7.49 16.66 -8.91
N GLY A 206 -6.73 15.83 -8.19
CA GLY A 206 -5.88 16.28 -7.10
C GLY A 206 -6.52 16.14 -5.74
N GLY A 207 -5.71 15.77 -4.74
CA GLY A 207 -6.17 15.66 -3.37
C GLY A 207 -5.22 14.96 -2.41
N LEU A 208 -4.14 14.37 -2.91
CA LEU A 208 -3.19 13.67 -2.06
C LEU A 208 -2.17 14.63 -1.48
N TYR A 209 -1.93 14.52 -0.17
CA TYR A 209 -0.91 15.29 0.54
C TYR A 209 -0.01 14.32 1.29
N ILE A 210 1.30 14.62 1.32
CA ILE A 210 2.27 13.76 2.00
C ILE A 210 3.09 14.64 2.93
N ARG A 211 3.63 14.03 3.99
CA ARG A 211 4.44 14.75 4.96
C ARG A 211 5.89 14.38 4.76
N PRO A 212 6.78 15.32 4.43
CA PRO A 212 8.19 14.99 4.29
C PRO A 212 8.84 14.73 5.64
N PRO A 213 10.04 14.17 5.65
CA PRO A 213 10.79 14.09 6.91
C PRO A 213 10.99 15.47 7.49
N VAL A 214 10.87 15.55 8.82
CA VAL A 214 11.05 16.78 9.58
C VAL A 214 12.11 16.54 10.64
N GLU A 215 13.16 17.37 10.65
CA GLU A 215 14.27 17.14 11.56
C GLU A 215 13.78 17.17 13.00
N GLY A 216 14.11 16.13 13.76
CA GLY A 216 13.78 16.07 15.16
C GLY A 216 12.38 15.60 15.48
N GLU A 217 11.54 15.38 14.48
CA GLU A 217 10.17 14.96 14.73
C GLU A 217 10.14 13.46 14.95
N LYS A 218 9.65 13.02 16.10
N LYS A 218 9.66 13.04 16.12
CA LYS A 218 9.60 11.58 16.36
CA LYS A 218 9.52 11.61 16.38
C LYS A 218 8.40 10.96 15.65
C LYS A 218 8.41 11.03 15.51
N ARG A 219 8.65 9.85 14.96
CA ARG A 219 7.65 9.17 14.15
C ARG A 219 7.25 7.88 14.83
N ASN A 220 5.94 7.72 15.00
CA ASN A 220 5.41 6.50 15.60
C ASN A 220 5.76 5.30 14.74
N ARG A 221 5.99 4.19 15.40
CA ARG A 221 6.30 2.92 14.77
C ARG A 221 4.98 2.17 14.66
N ASN A 222 4.33 2.29 13.51
CA ASN A 222 2.95 1.86 13.36
C ASN A 222 2.79 0.34 13.47
N TRP A 223 3.89 -0.43 13.48
CA TRP A 223 3.83 -1.87 13.73
C TRP A 223 3.64 -2.19 15.20
N LEU A 224 3.73 -1.20 16.08
CA LEU A 224 3.53 -1.40 17.51
C LEU A 224 2.14 -0.93 17.91
N PRO A 225 1.42 -1.70 18.74
CA PRO A 225 0.01 -1.34 19.01
C PRO A 225 -0.15 -0.03 19.75
N GLY A 226 0.84 0.39 20.52
CA GLY A 226 0.76 1.65 21.21
C GLY A 226 1.37 2.83 20.47
N GLU A 227 1.70 2.66 19.19
CA GLU A 227 2.27 3.73 18.37
C GLU A 227 1.63 3.73 16.99
N SER A 228 0.32 3.67 16.93
CA SER A 228 -0.33 3.82 15.62
C SER A 228 0.03 5.16 15.01
N SER A 229 0.29 5.16 13.70
CA SER A 229 0.49 6.41 12.97
C SER A 229 -0.80 7.02 12.45
N ALA A 230 -1.94 6.35 12.62
CA ALA A 230 -3.20 6.87 12.10
C ALA A 230 -3.58 8.14 12.84
N GLY A 231 -3.88 9.20 12.08
CA GLY A 231 -4.24 10.48 12.65
C GLY A 231 -3.07 11.37 13.01
N MET A 232 -1.86 10.84 13.06
CA MET A 232 -0.74 11.63 13.58
C MET A 232 -0.38 12.74 12.61
N PHE A 233 -0.25 13.97 13.14
CA PHE A 233 0.15 15.17 12.42
C PHE A 233 -0.93 15.69 11.47
N GLU A 234 -2.15 15.17 11.55
CA GLU A 234 -3.14 15.47 10.52
C GLU A 234 -3.33 16.96 10.30
N HIS A 235 -3.30 17.77 11.36
CA HIS A 235 -3.56 19.19 11.23
C HIS A 235 -2.32 20.04 11.49
N ASP A 236 -1.14 19.43 11.50
CA ASP A 236 0.11 20.16 11.67
C ASP A 236 0.83 20.23 10.33
N GLU A 237 1.32 21.43 9.97
CA GLU A 237 2.22 21.50 8.83
C GLU A 237 3.54 20.81 9.17
N PRO A 238 4.34 20.43 8.16
CA PRO A 238 4.13 20.64 6.73
C PRO A 238 3.48 19.47 6.01
N TRP A 239 2.62 19.80 5.04
CA TRP A 239 2.07 18.83 4.12
C TRP A 239 2.31 19.32 2.70
N THR A 240 2.84 18.43 1.87
CA THR A 240 3.14 18.70 0.47
C THR A 240 1.99 18.16 -0.39
N PHE A 241 1.42 19.02 -1.24
CA PHE A 241 0.43 18.57 -2.21
C PHE A 241 1.12 17.83 -3.34
N VAL A 242 0.61 16.66 -3.72
CA VAL A 242 1.19 15.84 -4.79
C VAL A 242 0.45 16.22 -6.07
N THR A 243 1.03 17.17 -6.81
CA THR A 243 0.38 17.73 -7.98
C THR A 243 0.15 16.64 -9.02
N PRO A 244 -1.08 16.46 -9.51
CA PRO A 244 -1.28 15.52 -10.61
C PRO A 244 -0.42 15.89 -11.80
N THR A 245 0.27 14.88 -12.32
CA THR A 245 1.27 15.01 -13.38
C THR A 245 1.09 13.84 -14.34
N PRO A 246 0.86 14.09 -15.64
CA PRO A 246 0.74 12.97 -16.57
C PRO A 246 2.03 12.16 -16.64
N GLY A 247 1.89 10.85 -16.79
CA GLY A 247 3.02 10.03 -17.16
C GLY A 247 3.97 9.68 -16.05
N VAL A 248 3.48 9.64 -14.80
CA VAL A 248 4.28 9.25 -13.66
C VAL A 248 3.45 8.41 -12.71
N TRP A 249 4.16 7.60 -11.92
CA TRP A 249 3.70 7.05 -10.66
C TRP A 249 4.51 7.68 -9.53
N THR A 250 3.91 7.78 -8.34
CA THR A 250 4.65 8.20 -7.16
C THR A 250 5.10 6.98 -6.36
N VAL A 251 6.16 7.16 -5.58
CA VAL A 251 6.72 6.10 -4.75
C VAL A 251 7.11 6.66 -3.39
N PHE A 252 6.67 6.00 -2.31
CA PHE A 252 7.15 6.36 -0.98
C PHE A 252 7.26 5.11 -0.10
N PRO A 253 8.04 5.17 0.98
CA PRO A 253 8.24 4.00 1.83
C PRO A 253 7.03 3.70 2.71
N GLY A 254 6.87 2.40 3.01
CA GLY A 254 5.94 1.93 4.01
C GLY A 254 6.64 1.51 5.32
N ASP A 255 5.82 1.02 6.24
CA ASP A 255 6.29 0.76 7.60
C ASP A 255 7.50 -0.16 7.64
N ILE A 256 7.53 -1.19 6.79
CA ILE A 256 8.61 -2.16 6.86
C ILE A 256 9.95 -1.51 6.54
N LEU A 257 9.97 -0.60 5.56
CA LEU A 257 11.23 0.08 5.27
C LEU A 257 11.67 0.98 6.42
N GLN A 258 10.73 1.65 7.09
CA GLN A 258 11.11 2.42 8.27
C GLN A 258 11.75 1.52 9.32
N PHE A 259 11.13 0.37 9.59
CA PHE A 259 11.67 -0.52 10.60
C PHE A 259 13.04 -1.05 10.20
N MET A 260 13.14 -1.58 8.98
CA MET A 260 14.38 -2.24 8.60
C MET A 260 15.54 -1.27 8.55
N THR A 261 15.29 -0.02 8.16
CA THR A 261 16.36 0.96 8.05
C THR A 261 16.58 1.72 9.35
N GLY A 262 15.89 1.35 10.43
CA GLY A 262 16.07 2.06 11.69
C GLY A 262 15.70 3.53 11.61
N GLY A 263 14.75 3.89 10.75
CA GLY A 263 14.35 5.27 10.59
C GLY A 263 15.22 6.09 9.66
N GLN A 264 16.22 5.50 9.00
CA GLN A 264 16.93 6.24 7.96
C GLN A 264 15.98 6.61 6.83
N LEU A 265 15.04 5.72 6.54
CA LEU A 265 13.85 6.04 5.77
C LEU A 265 12.65 6.03 6.71
N LEU A 266 11.68 6.86 6.41
CA LEU A 266 10.47 6.97 7.20
C LEU A 266 9.28 6.55 6.37
N SER A 267 8.33 5.87 7.00
CA SER A 267 7.09 5.54 6.34
C SER A 267 6.32 6.84 6.13
N THR A 268 6.08 7.21 4.88
CA THR A 268 5.61 8.58 4.63
C THR A 268 4.17 8.77 5.07
N PRO A 269 3.88 9.68 6.00
CA PRO A 269 2.48 9.98 6.32
C PRO A 269 1.80 10.67 5.15
N HIS A 270 0.55 10.32 4.92
CA HIS A 270 -0.20 10.91 3.82
C HIS A 270 -1.67 10.91 4.16
N LYS A 271 -2.41 11.75 3.44
CA LYS A 271 -3.84 11.94 3.64
C LYS A 271 -4.44 12.41 2.32
N VAL A 272 -5.76 12.33 2.22
CA VAL A 272 -6.46 12.75 1.01
C VAL A 272 -7.60 13.68 1.39
N LYS A 273 -7.69 14.80 0.70
CA LYS A 273 -8.79 15.74 0.83
C LYS A 273 -9.73 15.60 -0.36
N LEU A 274 -11.03 15.65 -0.10
CA LEU A 274 -12.00 15.64 -1.18
C LEU A 274 -11.90 16.92 -1.99
N ASN A 275 -12.19 16.82 -3.29
CA ASN A 275 -12.17 17.97 -4.18
C ASN A 275 -13.59 18.25 -4.66
N THR A 276 -13.71 19.21 -5.59
CA THR A 276 -15.01 19.58 -6.12
C THR A 276 -15.54 18.58 -7.15
N ARG A 277 -14.69 17.68 -7.60
CA ARG A 277 -15.06 16.61 -8.52
C ARG A 277 -14.63 15.29 -7.91
N GLU A 278 -15.28 14.21 -8.33
CA GLU A 278 -14.82 12.87 -7.96
C GLU A 278 -13.39 12.66 -8.45
N ARG A 279 -12.64 11.82 -7.71
CA ARG A 279 -11.22 11.61 -7.96
C ARG A 279 -10.92 10.12 -7.94
N PHE A 280 -10.29 9.64 -9.01
CA PHE A 280 -9.84 8.26 -9.11
C PHE A 280 -8.34 8.16 -8.85
N ALA A 281 -7.96 7.16 -8.05
CA ALA A 281 -6.56 6.88 -7.76
C ALA A 281 -6.40 5.39 -7.53
N CYS A 282 -5.17 4.89 -7.72
CA CYS A 282 -4.83 3.53 -7.36
C CYS A 282 -3.55 3.56 -6.54
N ALA A 283 -3.56 2.87 -5.40
CA ALA A 283 -2.38 2.75 -4.56
C ALA A 283 -1.99 1.28 -4.50
N TYR A 284 -0.74 0.99 -4.84
CA TYR A 284 -0.20 -0.35 -4.91
C TYR A 284 0.86 -0.53 -3.84
N PHE A 285 0.82 -1.69 -3.18
CA PHE A 285 1.64 -1.99 -2.01
C PHE A 285 2.53 -3.17 -2.34
N HIS A 286 3.83 -2.93 -2.40
CA HIS A 286 4.82 -3.95 -2.71
C HIS A 286 5.35 -4.45 -1.37
N GLU A 287 4.98 -5.68 -1.02
CA GLU A 287 5.03 -6.19 0.34
C GLU A 287 5.93 -7.42 0.46
N PRO A 288 6.48 -7.66 1.66
CA PRO A 288 7.07 -8.97 1.95
C PRO A 288 6.06 -10.10 1.77
N ASN A 289 6.60 -11.30 1.61
CA ASN A 289 5.82 -12.52 1.79
C ASN A 289 5.08 -12.46 3.14
N PHE A 290 3.87 -13.03 3.15
CA PHE A 290 3.05 -13.05 4.36
C PHE A 290 3.80 -13.70 5.53
N GLU A 291 4.69 -14.65 5.25
CA GLU A 291 5.43 -15.37 6.27
C GLU A 291 6.80 -14.78 6.58
N ALA A 292 7.21 -13.72 5.88
CA ALA A 292 8.52 -13.13 6.07
C ALA A 292 8.58 -12.30 7.35
N SER A 293 9.74 -12.33 8.00
CA SER A 293 10.00 -11.47 9.15
C SER A 293 11.02 -10.43 8.76
N ALA A 294 10.61 -9.18 8.81
CA ALA A 294 11.54 -8.06 8.67
C ALA A 294 12.42 -7.94 9.89
N TYR A 295 13.63 -7.42 9.69
CA TYR A 295 14.66 -7.36 10.72
C TYR A 295 15.45 -6.06 10.55
N PRO A 296 16.08 -5.57 11.62
N PRO A 296 16.05 -5.55 11.62
CA PRO A 296 16.88 -4.33 11.49
CA PRO A 296 16.87 -4.33 11.50
C PRO A 296 18.17 -4.59 10.74
C PRO A 296 18.16 -4.60 10.73
N LEU A 297 18.36 -3.83 9.66
CA LEU A 297 19.51 -4.03 8.77
C LEU A 297 20.81 -3.57 9.39
N PHE A 298 20.76 -2.51 10.20
CA PHE A 298 21.96 -1.83 10.67
C PHE A 298 22.26 -2.12 12.12
N GLU A 299 21.52 -3.05 12.73
CA GLU A 299 21.74 -3.47 14.12
C GLU A 299 21.58 -4.98 14.17
N PRO A 300 22.61 -5.73 13.77
CA PRO A 300 22.49 -7.20 13.76
C PRO A 300 22.21 -7.82 15.12
N SER A 301 22.58 -7.13 16.21
CA SER A 301 22.30 -7.64 17.54
C SER A 301 20.89 -7.34 18.02
N ALA A 302 20.13 -6.54 17.27
CA ALA A 302 18.78 -6.19 17.70
C ALA A 302 17.87 -7.40 17.47
N ASN A 303 17.06 -7.70 18.49
CA ASN A 303 16.19 -8.87 18.49
C ASN A 303 14.82 -8.59 17.90
N GLU A 304 14.43 -7.33 17.76
CA GLU A 304 13.09 -6.99 17.27
C GLU A 304 12.87 -7.51 15.85
N ARG A 305 11.65 -7.98 15.57
CA ARG A 305 11.27 -8.39 14.21
C ARG A 305 9.83 -7.96 13.95
N ILE A 306 9.49 -7.84 12.68
CA ILE A 306 8.09 -7.67 12.29
C ILE A 306 7.71 -8.86 11.42
N HIS A 307 6.77 -9.69 11.90
CA HIS A 307 6.16 -10.71 11.06
C HIS A 307 5.17 -9.98 10.15
N TYR A 308 5.45 -9.97 8.85
CA TYR A 308 4.69 -9.09 7.96
C TYR A 308 3.21 -9.45 7.94
N GLY A 309 2.89 -10.74 7.78
CA GLY A 309 1.50 -11.14 7.72
C GLY A 309 0.73 -10.78 8.97
N GLU A 310 1.38 -10.87 10.13
CA GLU A 310 0.75 -10.44 11.37
C GLU A 310 0.45 -8.94 11.33
N HIS A 311 1.39 -8.13 10.84
CA HIS A 311 1.14 -6.69 10.72
C HIS A 311 -0.01 -6.41 9.77
N PHE A 312 0.01 -7.01 8.57
CA PHE A 312 -1.09 -6.84 7.63
C PHE A 312 -2.43 -7.19 8.28
N THR A 313 -2.49 -8.34 8.95
CA THR A 313 -3.74 -8.80 9.52
C THR A 313 -4.24 -7.84 10.60
N ASN A 314 -3.35 -7.44 11.51
CA ASN A 314 -3.71 -6.46 12.53
C ASN A 314 -4.27 -5.20 11.90
N MET A 315 -3.60 -4.71 10.86
CA MET A 315 -4.01 -3.44 10.26
C MET A 315 -5.38 -3.57 9.61
N PHE A 316 -5.60 -4.64 8.85
CA PHE A 316 -6.87 -4.77 8.16
C PHE A 316 -8.01 -5.00 9.13
N MET A 317 -7.75 -5.68 10.26
CA MET A 317 -8.77 -5.82 11.29
C MET A 317 -9.13 -4.47 11.89
N ARG A 318 -8.15 -3.57 12.05
CA ARG A 318 -8.45 -2.26 12.60
C ARG A 318 -9.12 -1.35 11.58
N CYS A 319 -8.86 -1.56 10.29
CA CYS A 319 -9.51 -0.77 9.24
C CYS A 319 -11.00 -1.11 9.15
N TYR A 320 -11.32 -2.38 9.37
CA TYR A 320 -12.63 -2.95 9.00
C TYR A 320 -13.17 -3.78 10.15
N PRO A 321 -13.45 -3.14 11.30
CA PRO A 321 -13.79 -3.93 12.49
C PRO A 321 -15.04 -4.77 12.35
N ASP A 322 -15.99 -4.36 11.51
CA ASP A 322 -17.27 -5.04 11.40
C ASP A 322 -17.44 -5.84 10.12
N ARG A 323 -16.42 -5.90 9.28
CA ARG A 323 -16.53 -6.62 8.02
C ARG A 323 -16.61 -8.12 8.26
N ILE A 324 -17.33 -8.81 7.36
CA ILE A 324 -17.46 -10.26 7.52
C ILE A 324 -16.10 -10.96 7.62
N THR A 325 -15.08 -10.44 6.91
CA THR A 325 -13.74 -11.03 6.97
C THR A 325 -13.19 -10.99 8.40
N THR A 326 -13.36 -9.85 9.07
CA THR A 326 -12.89 -9.69 10.44
C THR A 326 -13.71 -10.55 11.39
N GLN A 327 -15.03 -10.59 11.20
CA GLN A 327 -15.88 -11.41 12.03
C GLN A 327 -15.45 -12.87 11.96
N ARG A 328 -15.08 -13.34 10.77
CA ARG A 328 -14.71 -14.75 10.65
C ARG A 328 -13.33 -15.01 11.26
N ILE A 329 -12.39 -14.06 11.14
CA ILE A 329 -11.13 -14.19 11.86
C ILE A 329 -11.38 -14.38 13.36
N ASN A 330 -12.27 -13.56 13.93
CA ASN A 330 -12.54 -13.66 15.35
C ASN A 330 -13.28 -14.95 15.69
N LYS A 331 -14.28 -15.32 14.88
CA LYS A 331 -15.10 -16.50 15.19
C LYS A 331 -14.28 -17.78 15.17
N GLU A 332 -13.34 -17.89 14.23
CA GLU A 332 -12.53 -19.08 14.05
C GLU A 332 -11.18 -18.99 14.72
N ASN A 333 -10.90 -17.89 15.42
CA ASN A 333 -9.63 -17.66 16.09
C ASN A 333 -8.46 -17.79 15.11
N ARG A 334 -8.60 -17.14 13.95
CA ARG A 334 -7.57 -17.28 12.93
C ARG A 334 -6.26 -16.59 13.29
N LEU A 335 -6.28 -15.67 14.25
CA LEU A 335 -5.02 -15.12 14.72
C LEU A 335 -4.20 -16.18 15.45
N ALA A 336 -4.85 -17.13 16.11
CA ALA A 336 -4.13 -18.25 16.71
C ALA A 336 -3.53 -19.15 15.63
N HIS A 337 -4.21 -19.30 14.50
N HIS A 337 -4.26 -19.34 14.52
CA HIS A 337 -3.60 -20.08 13.43
CA HIS A 337 -3.70 -20.04 13.37
C HIS A 337 -2.43 -19.36 12.79
C HIS A 337 -2.39 -19.37 12.95
N LEU A 338 -2.41 -18.03 12.87
CA LEU A 338 -1.23 -17.29 12.45
C LEU A 338 -0.05 -17.58 13.38
N GLU A 339 -0.31 -17.66 14.69
CA GLU A 339 0.75 -18.10 15.59
C GLU A 339 1.25 -19.50 15.24
N ASP A 340 0.32 -20.42 14.92
CA ASP A 340 0.75 -21.77 14.57
C ASP A 340 1.56 -21.81 13.28
N LEU A 341 1.12 -21.07 12.25
CA LEU A 341 1.82 -21.14 10.97
C LEU A 341 3.24 -20.59 11.07
N LYS A 342 3.54 -19.79 12.10
CA LYS A 342 4.90 -19.31 12.30
C LYS A 342 5.86 -20.43 12.66
N LYS A 343 5.37 -21.55 13.18
CA LYS A 343 6.25 -22.60 13.68
C LYS A 343 5.94 -23.99 13.14
N TYR A 344 4.73 -24.25 12.66
CA TYR A 344 4.30 -25.61 12.32
C TYR A 344 3.57 -25.61 10.99
#